data_8QEX
#
_entry.id   8QEX
#
_cell.length_a   48.456
_cell.length_b   80.534
_cell.length_c   78.766
_cell.angle_alpha   90.00
_cell.angle_beta   103.92
_cell.angle_gamma   90.00
#
_symmetry.space_group_name_H-M   'I 1 2 1'
#
loop_
_entity.id
_entity.type
_entity.pdbx_description
1 polymer Streptavidin
2 non-polymer 'cobalt Streptavidin'
3 water water
#
_entity_poly.entity_id   1
_entity_poly.type   'polypeptide(L)'
_entity_poly.pdbx_seq_one_letter_code
;ASMTGGQQMGRDQAGITGTWYNQLGSTFIVTAGADGALTGTYESAVSANEPDAAEGFRGVRKYVLTGRYDSAPATDGSGT
ALGWTVAWKNNYANAHSATTWSGQYVGGAEARINTQWLLTVGTTEANAWHSTLVGHDTFTKVKPSAASIDAAKKAGVNNG
NPLDAVQQ
;
_entity_poly.pdbx_strand_id   A,B
#
loop_
_chem_comp.id
_chem_comp.type
_chem_comp.name
_chem_comp.formula
UFU non-polymer 'cobalt Streptavidin' 'C41 H50 Co N6 O5 S'
#
# COMPACT_ATOMS: atom_id res chain seq x y z
N ASP A 12 -18.06 8.43 19.04
CA ASP A 12 -18.16 7.37 20.05
C ASP A 12 -18.94 6.19 19.47
N GLN A 13 -19.37 5.27 20.35
CA GLN A 13 -20.20 4.11 19.96
C GLN A 13 -21.47 4.62 19.28
N ALA A 14 -22.08 5.72 19.76
CA ALA A 14 -23.28 6.33 19.14
C ALA A 14 -22.97 6.75 17.70
N GLY A 15 -21.95 7.61 17.53
CA GLY A 15 -21.50 8.13 16.23
C GLY A 15 -21.17 7.02 15.24
N ILE A 16 -20.51 5.95 15.67
CA ILE A 16 -20.02 4.88 14.76
C ILE A 16 -21.16 3.91 14.35
N THR A 17 -21.92 3.42 15.30
CA THR A 17 -23.00 2.43 15.07
C THR A 17 -23.95 2.91 13.97
N GLY A 18 -24.28 2.04 13.01
CA GLY A 18 -25.20 2.43 11.94
C GLY A 18 -24.66 2.13 10.56
N THR A 19 -25.28 2.75 9.57
CA THR A 19 -25.03 2.38 8.15
C THR A 19 -24.17 3.47 7.52
N TRP A 20 -23.13 3.03 6.82
CA TRP A 20 -22.17 3.94 6.13
C TRP A 20 -22.04 3.54 4.68
N TYR A 21 -21.72 4.51 3.81
CA TYR A 21 -21.61 4.31 2.35
C TYR A 21 -20.30 4.92 1.88
N ASN A 22 -19.58 4.21 1.01
CA ASN A 22 -18.30 4.73 0.49
C ASN A 22 -18.54 5.28 -0.91
N GLN A 23 -17.49 5.83 -1.53
CA GLN A 23 -17.49 6.49 -2.85
C GLN A 23 -17.78 5.48 -3.96
N LEU A 24 -17.62 4.18 -3.70
CA LEU A 24 -17.94 3.11 -4.69
C LEU A 24 -19.43 2.76 -4.61
N GLY A 25 -20.16 3.23 -3.60
CA GLY A 25 -21.54 2.79 -3.32
C GLY A 25 -21.61 1.55 -2.45
N SER A 26 -20.47 1.06 -1.93
CA SER A 26 -20.43 -0.06 -0.97
C SER A 26 -21.12 0.36 0.32
N THR A 27 -21.72 -0.59 1.04
CA THR A 27 -22.51 -0.35 2.26
C THR A 27 -21.85 -1.12 3.40
N PHE A 28 -21.51 -0.41 4.47
CA PHE A 28 -20.83 -0.91 5.68
C PHE A 28 -21.86 -0.75 6.81
N ILE A 29 -22.38 -1.84 7.36
CA ILE A 29 -23.32 -1.82 8.50
C ILE A 29 -22.55 -2.24 9.74
N VAL A 30 -22.43 -1.39 10.75
CA VAL A 30 -21.53 -1.73 11.90
C VAL A 30 -22.20 -1.38 13.23
N THR A 31 -22.00 -2.24 14.24
CA THR A 31 -22.27 -1.94 15.65
C THR A 31 -20.95 -1.86 16.38
N ALA A 32 -20.77 -0.75 17.11
CA ALA A 32 -19.60 -0.46 17.96
C ALA A 32 -19.97 -0.80 19.40
N GLY A 33 -19.26 -1.72 20.01
CA GLY A 33 -19.49 -2.13 21.40
C GLY A 33 -18.77 -1.19 22.33
N ALA A 34 -19.15 -1.15 23.61
CA ALA A 34 -18.55 -0.31 24.68
C ALA A 34 -17.10 -0.75 24.95
N ASP A 35 -16.86 -2.05 24.77
CA ASP A 35 -15.54 -2.71 24.86
C ASP A 35 -14.61 -2.44 23.65
N GLY A 36 -14.97 -1.62 22.65
CA GLY A 36 -14.06 -1.33 21.53
C GLY A 36 -14.28 -2.26 20.35
N ALA A 37 -15.26 -3.17 20.42
CA ALA A 37 -15.58 -4.16 19.36
C ALA A 37 -16.31 -3.51 18.19
N LEU A 38 -15.95 -3.88 16.95
CA LEU A 38 -16.77 -3.63 15.73
C LEU A 38 -17.22 -4.99 15.19
N THR A 39 -18.50 -5.09 14.91
CA THR A 39 -19.18 -6.25 14.35
C THR A 39 -20.16 -5.74 13.28
N GLY A 40 -20.31 -6.48 12.20
CA GLY A 40 -21.30 -6.03 11.21
C GLY A 40 -21.21 -6.81 9.94
N THR A 41 -21.66 -6.17 8.88
CA THR A 41 -21.72 -6.73 7.51
C THR A 41 -21.27 -5.65 6.55
N TYR A 42 -20.57 -6.09 5.52
CA TYR A 42 -20.07 -5.27 4.43
C TYR A 42 -20.66 -5.79 3.12
N GLU A 43 -21.03 -4.88 2.23
CA GLU A 43 -21.54 -5.22 0.89
C GLU A 43 -20.79 -4.35 -0.11
N SER A 44 -19.95 -4.95 -0.91
CA SER A 44 -19.11 -4.20 -1.86
C SER A 44 -19.95 -3.95 -3.12
N ALA A 45 -19.89 -2.73 -3.66
CA ALA A 45 -20.46 -2.37 -4.97
C ALA A 45 -19.60 -3.00 -6.09
N VAL A 46 -18.37 -3.44 -5.81
CA VAL A 46 -17.45 -4.02 -6.85
C VAL A 46 -16.84 -5.32 -6.35
N SER A 47 -16.24 -6.10 -7.27
CA SER A 47 -15.41 -7.32 -6.97
C SER A 47 -14.48 -7.64 -8.15
N ARG A 58 -27.29 -8.53 -2.47
CA ARG A 58 -28.25 -8.91 -1.39
C ARG A 58 -27.47 -9.74 -0.37
N GLY A 59 -28.13 -10.73 0.28
CA GLY A 59 -27.51 -11.71 1.20
C GLY A 59 -26.36 -12.45 0.53
N VAL A 60 -26.43 -12.67 -0.79
CA VAL A 60 -25.31 -13.33 -1.53
C VAL A 60 -24.11 -12.39 -1.58
N ARG A 61 -24.30 -11.08 -1.39
CA ARG A 61 -23.20 -10.09 -1.48
C ARG A 61 -22.90 -9.50 -0.10
N LYS A 62 -23.43 -10.10 0.97
CA LYS A 62 -23.15 -9.61 2.36
C LYS A 62 -22.07 -10.51 2.96
N TYR A 63 -21.10 -9.90 3.62
CA TYR A 63 -19.94 -10.56 4.27
C TYR A 63 -19.80 -10.02 5.69
N VAL A 64 -19.35 -10.87 6.60
CA VAL A 64 -19.20 -10.60 8.04
C VAL A 64 -18.01 -9.66 8.16
N LEU A 65 -18.09 -8.64 9.03
CA LEU A 65 -16.88 -7.85 9.34
C LEU A 65 -16.67 -7.88 10.85
N THR A 66 -15.42 -7.83 11.31
CA THR A 66 -15.14 -7.63 12.74
C THR A 66 -14.05 -6.59 12.83
N GLY A 67 -13.93 -5.86 13.93
CA GLY A 67 -12.83 -4.90 14.04
C GLY A 67 -12.81 -4.26 15.41
N ARG A 68 -12.03 -3.20 15.55
CA ARG A 68 -11.84 -2.54 16.86
C ARG A 68 -11.83 -1.06 16.60
N TYR A 69 -12.12 -0.28 17.63
CA TYR A 69 -12.02 1.19 17.58
C TYR A 69 -11.58 1.62 18.97
N ASP A 70 -10.96 2.79 19.04
CA ASP A 70 -10.60 3.45 20.31
C ASP A 70 -11.89 3.92 20.99
N SER A 71 -12.30 3.27 22.09
CA SER A 71 -13.53 3.57 22.87
C SER A 71 -13.34 4.81 23.76
N ALA A 72 -12.17 5.42 23.80
CA ALA A 72 -11.96 6.65 24.60
C ALA A 72 -11.03 7.58 23.82
N PRO A 73 -11.51 8.19 22.72
CA PRO A 73 -10.65 9.01 21.90
C PRO A 73 -10.15 10.25 22.67
N ALA A 74 -9.07 10.85 22.17
CA ALA A 74 -8.52 12.14 22.63
C ALA A 74 -9.56 13.25 22.40
N THR A 75 -9.86 14.04 23.42
CA THR A 75 -10.93 15.07 23.36
C THR A 75 -10.32 16.40 22.93
N ASP A 76 -9.50 16.41 21.87
CA ASP A 76 -8.80 17.60 21.33
C ASP A 76 -9.21 17.82 19.87
N GLY A 77 -10.34 17.23 19.46
CA GLY A 77 -10.88 17.33 18.08
C GLY A 77 -10.28 16.28 17.15
N SER A 78 -9.48 15.35 17.68
CA SER A 78 -8.89 14.22 16.92
C SER A 78 -10.01 13.27 16.48
N GLY A 79 -9.83 12.59 15.34
CA GLY A 79 -10.68 11.46 14.98
C GLY A 79 -10.43 10.27 15.91
N THR A 80 -11.26 9.24 15.74
CA THR A 80 -11.24 8.02 16.56
C THR A 80 -10.63 6.92 15.70
N ALA A 81 -9.48 6.39 16.09
CA ALA A 81 -8.78 5.35 15.32
C ALA A 81 -9.63 4.08 15.32
N LEU A 82 -9.65 3.38 14.19
CA LEU A 82 -10.41 2.12 14.09
C LEU A 82 -9.91 1.31 12.89
N GLY A 83 -10.31 0.06 12.87
CA GLY A 83 -9.98 -0.86 11.78
C GLY A 83 -10.97 -1.98 11.77
N TRP A 84 -11.13 -2.61 10.63
CA TRP A 84 -11.94 -3.84 10.56
C TRP A 84 -11.48 -4.67 9.38
N THR A 85 -11.90 -5.94 9.38
CA THR A 85 -11.50 -6.93 8.38
C THR A 85 -12.76 -7.56 7.80
N VAL A 86 -12.72 -7.81 6.50
CA VAL A 86 -13.71 -8.66 5.78
C VAL A 86 -12.92 -9.75 5.05
N ALA A 87 -13.15 -11.00 5.40
CA ALA A 87 -12.72 -12.16 4.55
C ALA A 87 -13.86 -12.40 3.56
N TRP A 88 -13.53 -12.53 2.27
CA TRP A 88 -14.54 -12.50 1.19
C TRP A 88 -15.04 -13.92 0.96
N LYS A 89 -15.49 -14.55 2.04
CA LYS A 89 -16.17 -15.86 2.01
C LYS A 89 -17.49 -15.71 2.73
N ASN A 90 -18.58 -16.17 2.13
CA ASN A 90 -19.90 -16.20 2.79
C ASN A 90 -20.54 -17.55 2.42
N ASN A 91 -21.81 -17.77 2.67
CA ASN A 91 -22.42 -19.08 2.36
C ASN A 91 -22.50 -19.28 0.84
N TYR A 92 -22.30 -18.24 0.03
CA TYR A 92 -22.60 -18.29 -1.43
C TYR A 92 -21.33 -18.27 -2.27
N ALA A 93 -20.27 -17.60 -1.82
CA ALA A 93 -19.10 -17.30 -2.66
C ALA A 93 -17.87 -17.28 -1.77
N ASN A 94 -16.74 -17.61 -2.39
CA ASN A 94 -15.42 -17.51 -1.73
C ASN A 94 -14.42 -16.93 -2.71
N ALA A 95 -13.91 -15.72 -2.46
CA ALA A 95 -12.93 -15.05 -3.34
C ALA A 95 -11.51 -15.20 -2.77
N HIS A 96 -11.32 -16.04 -1.75
CA HIS A 96 -9.97 -16.42 -1.24
C HIS A 96 -9.16 -15.15 -0.97
N SER A 97 -9.78 -14.19 -0.31
CA SER A 97 -9.16 -12.87 -0.05
C SER A 97 -9.76 -12.21 1.20
N ALA A 98 -9.04 -11.22 1.71
CA ALA A 98 -9.45 -10.46 2.89
C ALA A 98 -8.97 -9.02 2.67
N THR A 99 -9.84 -8.07 3.04
CA THR A 99 -9.53 -6.62 3.10
C THR A 99 -9.54 -6.20 4.57
N THR A 100 -8.55 -5.40 4.96
CA THR A 100 -8.56 -4.62 6.19
C THR A 100 -8.61 -3.12 5.83
N TRP A 101 -9.46 -2.39 6.54
CA TRP A 101 -9.56 -0.93 6.55
C TRP A 101 -8.99 -0.43 7.86
N SER A 102 -8.14 0.58 7.76
CA SER A 102 -7.53 1.27 8.89
C SER A 102 -7.88 2.74 8.68
N GLY A 103 -8.46 3.37 9.68
CA GLY A 103 -8.63 4.82 9.57
C GLY A 103 -9.18 5.45 10.81
N GLN A 104 -9.98 6.49 10.60
CA GLN A 104 -10.55 7.24 11.73
C GLN A 104 -11.93 7.75 11.37
N TYR A 105 -12.74 7.72 12.40
CA TYR A 105 -14.09 8.31 12.45
C TYR A 105 -13.93 9.77 12.89
N VAL A 106 -14.61 10.66 12.17
CA VAL A 106 -14.77 12.09 12.52
C VAL A 106 -16.28 12.38 12.60
N GLY A 107 -16.76 12.81 13.77
CA GLY A 107 -18.18 13.11 13.98
C GLY A 107 -18.54 14.48 13.40
N GLY A 108 -19.70 15.02 13.78
CA GLY A 108 -20.18 16.36 13.36
C GLY A 108 -21.18 16.20 12.24
N ALA A 109 -21.63 17.33 11.66
CA ALA A 109 -22.68 17.38 10.62
C ALA A 109 -22.30 16.50 9.42
N GLU A 110 -21.05 16.62 8.93
CA GLU A 110 -20.45 15.80 7.84
C GLU A 110 -19.58 14.66 8.41
N ALA A 111 -20.17 13.81 9.26
CA ALA A 111 -19.53 12.63 9.88
C ALA A 111 -18.90 11.79 8.77
N ARG A 112 -17.71 11.27 9.02
CA ARG A 112 -17.00 10.48 8.00
C ARG A 112 -16.15 9.41 8.68
N ILE A 113 -15.97 8.28 8.00
CA ILE A 113 -14.87 7.33 8.29
C ILE A 113 -13.89 7.39 7.12
N ASN A 114 -12.73 7.98 7.35
CA ASN A 114 -11.65 8.08 6.35
C ASN A 114 -10.69 6.91 6.55
N THR A 115 -10.54 6.06 5.53
CA THR A 115 -9.76 4.81 5.65
C THR A 115 -8.75 4.67 4.51
N GLN A 116 -7.73 3.88 4.80
CA GLN A 116 -6.87 3.24 3.78
C GLN A 116 -7.09 1.74 3.95
N TRP A 117 -6.99 0.97 2.88
CA TRP A 117 -7.24 -0.47 3.00
C TRP A 117 -6.16 -1.28 2.27
N LEU A 118 -6.07 -2.54 2.65
CA LEU A 118 -5.16 -3.54 2.09
C LEU A 118 -6.02 -4.75 1.75
N LEU A 119 -6.02 -5.14 0.49
CA LEU A 119 -6.75 -6.34 0.00
C LEU A 119 -5.73 -7.43 -0.39
N THR A 120 -5.67 -8.51 0.37
CA THR A 120 -4.70 -9.61 0.14
C THR A 120 -5.47 -10.82 -0.38
N VAL A 121 -5.01 -11.35 -1.52
CA VAL A 121 -5.55 -12.61 -2.09
C VAL A 121 -4.59 -13.75 -1.77
N GLY A 122 -5.15 -14.92 -1.47
CA GLY A 122 -4.35 -16.15 -1.29
C GLY A 122 -3.61 -16.42 -2.58
N THR A 123 -2.27 -16.50 -2.54
CA THR A 123 -1.42 -16.79 -3.73
C THR A 123 -0.41 -17.88 -3.39
N THR A 124 0.21 -18.46 -4.41
CA THR A 124 1.40 -19.32 -4.23
C THR A 124 2.57 -18.40 -3.86
N GLU A 125 3.67 -18.96 -3.38
CA GLU A 125 4.87 -18.18 -2.99
C GLU A 125 5.32 -17.35 -4.21
N ALA A 126 5.26 -17.93 -5.42
CA ALA A 126 5.77 -17.29 -6.65
C ALA A 126 4.99 -15.99 -6.92
N ASN A 127 3.70 -15.97 -6.60
CA ASN A 127 2.80 -14.85 -6.95
C ASN A 127 2.60 -13.90 -5.77
N ALA A 128 3.27 -14.15 -4.65
CA ALA A 128 3.09 -13.41 -3.38
C ALA A 128 3.39 -11.94 -3.59
N TRP A 129 4.35 -11.61 -4.47
CA TRP A 129 4.77 -10.20 -4.71
C TRP A 129 3.58 -9.37 -5.21
N HIS A 130 2.64 -10.00 -5.96
CA HIS A 130 1.40 -9.46 -6.60
C HIS A 130 0.18 -9.73 -5.71
N SER A 131 0.32 -9.99 -4.40
CA SER A 131 -0.81 -10.53 -3.57
C SER A 131 -1.67 -9.43 -2.94
N THR A 132 -1.18 -8.18 -2.83
CA THR A 132 -1.81 -7.15 -1.96
C THR A 132 -2.07 -5.86 -2.70
N LEU A 133 -3.34 -5.46 -2.77
CA LEU A 133 -3.82 -4.18 -3.33
C LEU A 133 -3.93 -3.20 -2.17
N VAL A 134 -3.65 -1.92 -2.46
CA VAL A 134 -3.82 -0.83 -1.47
C VAL A 134 -4.79 0.18 -2.08
N GLY A 135 -5.64 0.74 -1.24
CA GLY A 135 -6.54 1.82 -1.68
C GLY A 135 -7.04 2.62 -0.50
N HIS A 136 -8.06 3.43 -0.76
CA HIS A 136 -8.62 4.34 0.26
C HIS A 136 -10.11 4.48 -0.01
N ASP A 137 -10.90 4.36 1.03
CA ASP A 137 -12.37 4.51 1.00
C ASP A 137 -12.76 5.58 2.03
N THR A 138 -13.65 6.48 1.63
CA THR A 138 -14.28 7.45 2.54
C THR A 138 -15.74 7.04 2.70
N PHE A 139 -16.16 6.79 3.94
CA PHE A 139 -17.56 6.40 4.25
C PHE A 139 -18.29 7.62 4.78
N THR A 140 -19.48 7.85 4.26
CA THR A 140 -20.41 8.92 4.73
C THR A 140 -21.73 8.31 5.20
N LYS A 141 -22.52 9.05 5.99
CA LYS A 141 -23.84 8.57 6.48
C LYS A 141 -24.92 8.70 5.38
N VAL A 142 -24.67 9.45 4.31
CA VAL A 142 -25.57 9.55 3.13
C VAL A 142 -24.78 9.18 1.88
N LYS A 143 -25.29 8.29 1.04
CA LYS A 143 -24.61 7.74 -0.17
C LYS A 143 -24.30 8.86 -1.19
N GLY B 10 27.65 14.42 -2.10
CA GLY B 10 26.64 13.54 -1.41
C GLY B 10 27.30 12.60 -0.40
N ARG B 11 26.85 12.63 0.85
CA ARG B 11 27.39 11.82 1.97
C ARG B 11 27.45 10.34 1.58
N ASP B 12 26.38 9.83 0.95
CA ASP B 12 26.18 8.40 0.61
C ASP B 12 26.16 8.23 -0.90
N GLN B 13 26.68 9.19 -1.66
CA GLN B 13 26.84 9.10 -3.14
C GLN B 13 27.65 7.83 -3.47
N ALA B 14 28.75 7.63 -2.75
CA ALA B 14 29.64 6.44 -2.89
C ALA B 14 28.86 5.19 -2.52
N GLY B 15 28.29 5.16 -1.31
CA GLY B 15 27.48 4.05 -0.77
C GLY B 15 26.37 3.60 -1.70
N ILE B 16 25.63 4.53 -2.33
CA ILE B 16 24.39 4.19 -3.08
C ILE B 16 24.76 3.73 -4.49
N THR B 17 25.63 4.46 -5.17
CA THR B 17 26.06 4.17 -6.56
C THR B 17 26.48 2.68 -6.69
N GLY B 18 25.99 1.98 -7.73
CA GLY B 18 26.36 0.58 -7.93
C GLY B 18 25.19 -0.36 -8.12
N THR B 19 25.47 -1.64 -8.04
CA THR B 19 24.48 -2.70 -8.32
C THR B 19 23.92 -3.25 -7.01
N TRP B 20 22.59 -3.32 -6.96
CA TRP B 20 21.83 -3.84 -5.81
C TRP B 20 20.92 -4.99 -6.28
N TYR B 21 20.59 -5.88 -5.38
CA TYR B 21 19.81 -7.12 -5.64
C TYR B 21 18.75 -7.25 -4.54
N ASN B 22 17.51 -7.56 -4.92
CA ASN B 22 16.43 -7.69 -3.92
C ASN B 22 16.19 -9.17 -3.66
N GLN B 23 15.24 -9.50 -2.77
CA GLN B 23 14.88 -10.86 -2.32
C GLN B 23 14.25 -11.64 -3.48
N LEU B 24 13.78 -10.97 -4.54
CA LEU B 24 13.24 -11.65 -5.74
C LEU B 24 14.36 -12.01 -6.72
N GLY B 25 15.57 -11.51 -6.54
CA GLY B 25 16.65 -11.63 -7.55
C GLY B 25 16.62 -10.51 -8.58
N SER B 26 15.77 -9.49 -8.40
CA SER B 26 15.75 -8.31 -9.29
C SER B 26 17.06 -7.53 -9.12
N THR B 27 17.51 -6.82 -10.14
CA THR B 27 18.80 -6.09 -10.16
C THR B 27 18.52 -4.63 -10.44
N PHE B 28 19.04 -3.78 -9.57
CA PHE B 28 18.80 -2.31 -9.53
C PHE B 28 20.20 -1.70 -9.73
N ILE B 29 20.48 -1.08 -10.88
CA ILE B 29 21.78 -0.44 -11.16
C ILE B 29 21.56 1.06 -11.05
N VAL B 30 22.28 1.76 -10.18
CA VAL B 30 21.93 3.18 -9.90
C VAL B 30 23.20 4.00 -9.75
N THR B 31 23.19 5.21 -10.30
CA THR B 31 24.19 6.24 -10.02
C THR B 31 23.49 7.35 -9.24
N ALA B 32 24.11 7.73 -8.13
CA ALA B 32 23.62 8.80 -7.21
C ALA B 32 24.46 10.03 -7.53
N GLY B 33 23.83 11.13 -7.93
CA GLY B 33 24.53 12.40 -8.18
C GLY B 33 24.70 13.15 -6.88
N ALA B 34 25.59 14.15 -6.86
CA ALA B 34 25.92 14.98 -5.68
C ALA B 34 24.74 15.89 -5.34
N ASP B 35 23.98 16.27 -6.37
CA ASP B 35 22.73 17.06 -6.31
C ASP B 35 21.50 16.24 -5.85
N GLY B 36 21.63 14.96 -5.45
CA GLY B 36 20.48 14.21 -4.96
C GLY B 36 19.77 13.43 -6.04
N ALA B 37 20.26 13.43 -7.28
CA ALA B 37 19.65 12.67 -8.41
C ALA B 37 19.95 11.17 -8.30
N LEU B 38 18.96 10.32 -8.59
CA LEU B 38 19.18 8.86 -8.87
C LEU B 38 18.76 8.62 -10.31
N THR B 39 19.59 7.89 -11.03
CA THR B 39 19.45 7.54 -12.43
C THR B 39 20.01 6.13 -12.60
N GLY B 40 19.39 5.34 -13.49
CA GLY B 40 19.92 3.98 -13.70
C GLY B 40 18.91 3.11 -14.39
N THR B 41 19.00 1.82 -14.13
CA THR B 41 18.19 0.81 -14.82
C THR B 41 17.79 -0.22 -13.78
N TYR B 42 16.63 -0.82 -14.01
CA TYR B 42 16.05 -1.85 -13.15
C TYR B 42 15.72 -3.04 -14.04
N GLU B 43 15.92 -4.24 -13.51
CA GLU B 43 15.60 -5.51 -14.20
C GLU B 43 14.86 -6.37 -13.19
N SER B 44 13.58 -6.62 -13.42
CA SER B 44 12.77 -7.38 -12.47
C SER B 44 12.99 -8.86 -12.75
N ALA B 45 13.16 -9.66 -11.71
CA ALA B 45 13.12 -11.14 -11.78
C ALA B 45 11.71 -11.62 -12.09
N VAL B 46 10.66 -10.81 -11.88
CA VAL B 46 9.24 -11.25 -12.05
C VAL B 46 8.48 -10.22 -12.87
N SER B 47 7.30 -10.59 -13.37
CA SER B 47 6.40 -9.74 -14.21
C SER B 47 4.95 -10.24 -14.11
N ARG B 58 18.73 -8.91 -19.28
CA ARG B 58 18.93 -8.61 -20.72
C ARG B 58 18.39 -7.20 -20.99
N GLY B 59 18.87 -6.54 -22.06
CA GLY B 59 18.42 -5.20 -22.49
C GLY B 59 16.92 -5.14 -22.72
N VAL B 60 16.31 -6.25 -23.15
CA VAL B 60 14.82 -6.33 -23.32
C VAL B 60 14.14 -6.30 -21.94
N ARG B 61 14.86 -6.61 -20.87
CA ARG B 61 14.29 -6.69 -19.51
C ARG B 61 14.79 -5.52 -18.66
N LYS B 62 15.51 -4.57 -19.25
CA LYS B 62 16.03 -3.39 -18.53
C LYS B 62 15.11 -2.21 -18.81
N TYR B 63 14.79 -1.45 -17.76
CA TYR B 63 13.89 -0.30 -17.76
C TYR B 63 14.60 0.86 -17.02
N VAL B 64 14.33 2.08 -17.46
CA VAL B 64 15.04 3.28 -17.01
C VAL B 64 14.46 3.60 -15.64
N LEU B 65 15.29 4.04 -14.71
CA LEU B 65 14.74 4.48 -13.40
C LEU B 65 15.29 5.88 -13.17
N THR B 66 14.48 6.71 -12.51
CA THR B 66 14.98 8.01 -12.04
C THR B 66 14.54 8.11 -10.60
N GLY B 67 15.24 8.89 -9.78
CA GLY B 67 14.70 9.10 -8.41
C GLY B 67 15.54 10.12 -7.69
N ARG B 68 15.34 10.24 -6.39
CA ARG B 68 16.01 11.28 -5.58
C ARG B 68 16.45 10.66 -4.26
N TYR B 69 17.45 11.25 -3.63
CA TYR B 69 17.87 10.80 -2.29
C TYR B 69 18.31 12.04 -1.53
N ASP B 70 18.23 11.99 -0.22
CA ASP B 70 18.79 13.02 0.69
C ASP B 70 20.33 12.98 0.60
N SER B 71 20.96 14.01 0.02
CA SER B 71 22.44 14.11 -0.15
C SER B 71 23.13 14.53 1.16
N ALA B 72 22.39 14.86 2.21
CA ALA B 72 23.00 15.30 3.49
C ALA B 72 22.17 14.75 4.63
N PRO B 73 22.20 13.44 4.91
CA PRO B 73 21.39 12.90 5.99
C PRO B 73 21.84 13.42 7.34
N ALA B 74 20.97 13.30 8.33
CA ALA B 74 21.29 13.62 9.74
C ALA B 74 22.35 12.63 10.23
N THR B 75 23.43 13.11 10.85
CA THR B 75 24.58 12.27 11.27
C THR B 75 24.30 11.76 12.70
N ASP B 76 23.17 11.11 12.86
CA ASP B 76 22.62 10.62 14.16
C ASP B 76 22.34 9.11 14.04
N GLY B 77 22.94 8.46 13.05
CA GLY B 77 22.78 7.00 12.81
C GLY B 77 21.58 6.68 11.92
N SER B 78 20.85 7.68 11.43
CA SER B 78 19.64 7.52 10.59
C SER B 78 20.05 6.95 9.23
N GLY B 79 19.16 6.21 8.57
CA GLY B 79 19.35 5.90 7.14
C GLY B 79 19.12 7.13 6.28
N THR B 80 19.36 7.01 4.99
CA THR B 80 19.25 8.08 3.99
C THR B 80 17.95 7.89 3.22
N ALA B 81 17.00 8.81 3.33
CA ALA B 81 15.69 8.67 2.66
C ALA B 81 15.90 8.78 1.16
N LEU B 82 15.16 7.98 0.39
CA LEU B 82 15.30 8.00 -1.08
C LEU B 82 14.04 7.37 -1.69
N GLY B 83 13.93 7.53 -2.99
CA GLY B 83 12.82 6.96 -3.76
C GLY B 83 13.21 6.92 -5.21
N TRP B 84 12.56 6.05 -5.96
CA TRP B 84 12.77 6.07 -7.42
C TRP B 84 11.55 5.45 -8.08
N THR B 85 11.44 5.69 -9.39
CA THR B 85 10.30 5.24 -10.20
C THR B 85 10.83 4.45 -11.40
N VAL B 86 10.11 3.39 -11.77
CA VAL B 86 10.28 2.69 -13.05
C VAL B 86 8.90 2.65 -13.72
N ALA B 87 8.77 3.23 -14.90
CA ALA B 87 7.62 2.97 -15.80
C ALA B 87 8.00 1.77 -16.66
N TRP B 88 7.13 0.78 -16.76
CA TRP B 88 7.44 -0.55 -17.32
C TRP B 88 7.24 -0.53 -18.83
N LYS B 89 7.82 0.49 -19.46
CA LYS B 89 7.91 0.58 -20.93
C LYS B 89 9.37 0.76 -21.28
N ASN B 90 9.83 0.01 -22.27
CA ASN B 90 11.19 0.15 -22.84
C ASN B 90 11.01 0.06 -24.36
N ASN B 91 12.08 -0.12 -25.13
CA ASN B 91 11.93 -0.17 -26.60
C ASN B 91 11.24 -1.48 -27.00
N TYR B 92 11.14 -2.46 -26.11
CA TYR B 92 10.75 -3.86 -26.50
C TYR B 92 9.37 -4.23 -25.98
N ALA B 93 8.95 -3.69 -24.85
CA ALA B 93 7.71 -4.12 -24.15
C ALA B 93 7.13 -2.91 -23.43
N ASN B 94 5.85 -3.01 -23.14
CA ASN B 94 5.09 -1.97 -22.41
C ASN B 94 4.03 -2.68 -21.57
N ALA B 95 4.18 -2.66 -20.24
CA ALA B 95 3.23 -3.30 -19.31
C ALA B 95 2.28 -2.25 -18.72
N HIS B 96 2.28 -1.01 -19.23
CA HIS B 96 1.27 0.03 -18.91
C HIS B 96 1.18 0.17 -17.40
N SER B 97 2.34 0.28 -16.75
CA SER B 97 2.40 0.36 -15.27
C SER B 97 3.69 1.05 -14.83
N ALA B 98 3.69 1.49 -13.59
CA ALA B 98 4.84 2.19 -12.98
C ALA B 98 4.90 1.74 -11.52
N THR B 99 6.11 1.46 -11.07
CA THR B 99 6.43 1.20 -9.65
C THR B 99 7.26 2.37 -9.12
N THR B 100 6.91 2.83 -7.94
CA THR B 100 7.74 3.70 -7.09
C THR B 100 8.16 2.90 -5.85
N TRP B 101 9.45 3.00 -5.52
CA TRP B 101 10.05 2.50 -4.27
C TRP B 101 10.35 3.72 -3.41
N SER B 102 9.99 3.61 -2.14
CA SER B 102 10.27 4.63 -1.12
C SER B 102 10.97 3.91 0.02
N GLY B 103 12.11 4.41 0.45
CA GLY B 103 12.78 3.76 1.56
C GLY B 103 14.00 4.52 2.03
N GLN B 104 14.94 3.76 2.59
CA GLN B 104 16.19 4.32 3.09
C GLN B 104 17.34 3.36 2.85
N TYR B 105 18.45 3.99 2.55
CA TYR B 105 19.79 3.37 2.44
C TYR B 105 20.41 3.35 3.84
N VAL B 106 20.92 2.20 4.23
CA VAL B 106 21.73 2.01 5.48
C VAL B 106 23.09 1.46 5.08
N GLY B 107 24.16 2.21 5.35
CA GLY B 107 25.55 1.83 5.01
C GLY B 107 26.08 0.76 5.96
N GLY B 108 27.39 0.49 5.90
CA GLY B 108 28.09 -0.44 6.81
C GLY B 108 28.31 -1.75 6.11
N ALA B 109 28.77 -2.78 6.85
CA ALA B 109 29.23 -4.08 6.29
C ALA B 109 28.10 -4.74 5.51
N GLU B 110 26.89 -4.84 6.10
CA GLU B 110 25.66 -5.33 5.40
C GLU B 110 24.78 -4.13 5.01
N ALA B 111 25.31 -3.30 4.11
CA ALA B 111 24.62 -2.15 3.48
C ALA B 111 23.29 -2.67 2.90
N ARG B 112 22.24 -1.89 3.05
CA ARG B 112 20.91 -2.30 2.55
C ARG B 112 20.13 -1.08 2.08
N ILE B 113 19.25 -1.27 1.11
CA ILE B 113 18.14 -0.32 0.80
C ILE B 113 16.84 -1.01 1.17
N ASN B 114 16.22 -0.53 2.24
CA ASN B 114 14.91 -1.04 2.73
C ASN B 114 13.82 -0.20 2.12
N THR B 115 12.91 -0.81 1.36
CA THR B 115 11.89 -0.05 0.59
C THR B 115 10.50 -0.66 0.82
N GLN B 116 9.52 0.19 0.60
CA GLN B 116 8.12 -0.21 0.36
C GLN B 116 7.79 0.32 -1.02
N TRP B 117 6.97 -0.38 -1.79
CA TRP B 117 6.71 0.06 -3.17
C TRP B 117 5.21 0.08 -3.48
N LEU B 118 4.87 0.85 -4.50
CA LEU B 118 3.51 0.98 -5.06
C LEU B 118 3.62 0.71 -6.57
N LEU B 119 2.86 -0.25 -7.05
CA LEU B 119 2.83 -0.61 -8.50
C LEU B 119 1.42 -0.30 -9.04
N THR B 120 1.30 0.75 -9.84
CA THR B 120 -0.01 1.20 -10.41
C THR B 120 -0.03 0.81 -11.88
N VAL B 121 -1.10 0.12 -12.28
CA VAL B 121 -1.38 -0.25 -13.68
C VAL B 121 -2.42 0.70 -14.24
N GLY B 122 -2.28 1.05 -15.52
CA GLY B 122 -3.30 1.86 -16.21
C GLY B 122 -4.62 1.11 -16.21
N THR B 123 -5.71 1.71 -15.70
CA THR B 123 -7.05 1.08 -15.67
C THR B 123 -8.13 2.06 -16.15
N THR B 124 -9.32 1.54 -16.46
CA THR B 124 -10.52 2.40 -16.65
C THR B 124 -10.92 2.91 -15.26
N GLU B 125 -11.78 3.92 -15.19
CA GLU B 125 -12.23 4.52 -13.91
C GLU B 125 -12.91 3.41 -13.09
N ALA B 126 -13.66 2.51 -13.73
CA ALA B 126 -14.41 1.43 -13.05
C ALA B 126 -13.44 0.49 -12.32
N ASN B 127 -12.24 0.28 -12.87
CA ASN B 127 -11.26 -0.72 -12.38
C ASN B 127 -10.20 -0.05 -11.49
N ALA B 128 -10.29 1.27 -11.29
CA ALA B 128 -9.25 2.07 -10.60
C ALA B 128 -9.05 1.54 -9.17
N TRP B 129 -10.11 1.02 -8.53
CA TRP B 129 -10.04 0.52 -7.14
C TRP B 129 -9.01 -0.61 -7.03
N HIS B 130 -8.82 -1.40 -8.11
CA HIS B 130 -7.92 -2.58 -8.28
C HIS B 130 -6.63 -2.15 -9.00
N SER B 131 -6.24 -0.86 -9.01
CA SER B 131 -5.13 -0.37 -9.88
C SER B 131 -3.76 -0.46 -9.20
N THR B 132 -3.67 -0.58 -7.85
CA THR B 132 -2.38 -0.34 -7.14
C THR B 132 -2.03 -1.48 -6.19
N LEU B 133 -0.91 -2.16 -6.48
CA LEU B 133 -0.30 -3.17 -5.60
C LEU B 133 0.67 -2.46 -4.66
N VAL B 134 0.81 -2.99 -3.45
CA VAL B 134 1.79 -2.52 -2.44
C VAL B 134 2.67 -3.71 -2.07
N GLY B 135 3.95 -3.45 -1.84
CA GLY B 135 4.88 -4.47 -1.36
C GLY B 135 6.10 -3.86 -0.74
N HIS B 136 7.10 -4.71 -0.52
CA HIS B 136 8.34 -4.30 0.15
C HIS B 136 9.47 -5.10 -0.46
N ASP B 137 10.54 -4.41 -0.84
CA ASP B 137 11.79 -5.02 -1.34
C ASP B 137 12.95 -4.60 -0.44
N THR B 138 13.81 -5.55 -0.08
CA THR B 138 15.09 -5.25 0.57
C THR B 138 16.20 -5.51 -0.45
N PHE B 139 16.98 -4.49 -0.76
CA PHE B 139 18.15 -4.57 -1.68
C PHE B 139 19.44 -4.74 -0.88
N THR B 140 20.25 -5.70 -1.32
CA THR B 140 21.61 -5.95 -0.78
C THR B 140 22.65 -5.77 -1.88
N LYS B 141 23.93 -5.63 -1.53
CA LYS B 141 25.04 -5.60 -2.52
C LYS B 141 25.44 -6.98 -3.02
N VAL B 142 24.96 -8.08 -2.41
CA VAL B 142 25.25 -9.46 -2.87
C VAL B 142 23.94 -10.23 -3.14
N LYS B 143 23.92 -11.05 -4.18
CA LYS B 143 22.70 -11.70 -4.75
C LYS B 143 22.41 -13.00 -4.00
C1 UFU C . -14.97 -1.47 -1.45
C2 UFU C . -11.87 -2.52 -0.72
C3 UFU C . -12.64 -1.65 -1.81
C4 UFU C . -13.48 -2.74 -2.70
C5 UFU C . -12.83 -4.15 -2.52
C6 UFU C . -13.81 -5.33 -2.79
C7 UFU C . -13.08 -6.67 -2.87
C8 UFU C . -14.07 -7.83 -2.93
C9 UFU C . -13.35 -9.17 -3.01
C10 UFU C . -12.48 -9.27 -4.26
C11 UFU C . -10.43 -10.19 -5.28
C12 UFU C . -9.03 -9.63 -5.01
N1 UFU C . -13.69 -0.86 -1.22
O1 UFU C . -16.02 -1.09 -0.84
S1 UFU C . -12.41 -4.04 -0.75
N2 UFU C . -14.84 -2.53 -2.37
O2 UFU C . -12.81 -8.70 -5.29
N3 UFU C . -11.34 -10.02 -4.16
O3 UFU C . -9.08 -8.04 -7.30
N4 UFU C . -8.15 -9.79 -6.17
O4 UFU C . -2.12 -9.85 -12.72
N5 UFU C . -4.49 -10.26 -11.30
O5 UFU C . -1.87 -7.50 -11.59
N6 UFU C . -4.23 -7.97 -10.14
C13 UFU C . -8.25 -8.94 -7.25
C14 UFU C . -7.29 -9.25 -8.36
C15 UFU C . -6.24 -8.38 -8.70
C16 UFU C . -7.56 -10.35 -9.18
C17 UFU C . -5.38 -8.70 -9.75
C18 UFU C . -6.66 -10.72 -10.16
C19 UFU C . -5.55 -9.91 -10.45
C20 UFU C . -4.40 -11.43 -11.88
C21 UFU C . -4.04 -6.73 -9.81
C22 UFU C . -3.06 -5.83 -10.36
C23 UFU C . -3.14 -4.48 -9.95
C24 UFU C . -1.97 -6.28 -11.19
C25 UFU C . -2.15 -3.59 -10.26
C26 UFU C . -0.98 -5.30 -11.60
C27 UFU C . -1.06 -4.03 -11.05
C28 UFU C . -3.43 -11.86 -12.81
C29 UFU C . -3.60 -13.17 -13.35
C30 UFU C . -2.31 -11.04 -13.20
C31 UFU C . -2.69 -13.67 -14.26
C32 UFU C . -1.37 -11.58 -14.15
C33 UFU C . -1.59 -12.86 -14.64
C36 UFU C . -0.15 -10.76 -14.61
C37 UFU C . -0.61 -9.57 -15.49
C38 UFU C . 0.62 -10.24 -13.38
C39 UFU C . 0.84 -11.59 -15.45
C40 UFU C . -0.03 -5.61 -12.77
C41 UFU C . 0.75 -6.91 -12.50
C42 UFU C . -0.84 -5.73 -14.09
C43 UFU C . 1.01 -4.49 -12.98
CO1 UFU C . -3.14 -8.91 -11.40
C1 UFU D . 10.63 -6.36 -8.12
C2 UFU D . 8.10 -4.21 -7.55
C3 UFU D . 8.55 -5.71 -7.22
C4 UFU D . 8.37 -6.53 -8.63
C5 UFU D . 7.42 -5.71 -9.58
C6 UFU D . 7.67 -6.01 -11.09
C7 UFU D . 6.62 -5.31 -11.97
C8 UFU D . 6.82 -5.68 -13.44
C9 UFU D . 5.77 -5.01 -14.33
C10 UFU D . 4.43 -5.73 -14.23
C11 UFU D . 1.96 -5.49 -14.26
C12 UFU D . 1.23 -5.09 -12.97
N1 UFU D . 9.96 -5.80 -6.98
O1 UFU D . 11.89 -6.30 -8.27
S1 UFU D . 7.96 -4.03 -9.14
N2 UFU D . 9.68 -6.87 -9.04
O2 UFU D . 4.36 -6.94 -14.08
N3 UFU D . 3.31 -4.94 -14.32
O3 UFU D . 0.86 -7.60 -11.82
N4 UFU D . -0.06 -5.78 -12.85
O4 UFU D . -7.99 -9.25 -10.97
N5 UFU D . -5.56 -8.69 -12.23
O5 UFU D . -6.86 -8.85 -8.64
N6 UFU D . -4.45 -8.25 -9.94
C13 UFU D . -0.13 -7.02 -12.26
C14 UFU D . -1.52 -7.59 -12.21
C15 UFU D . -2.25 -7.69 -11.02
C16 UFU D . -2.06 -8.14 -13.39
C17 UFU D . -3.58 -8.16 -11.04
C18 UFU D . -3.39 -8.52 -13.44
C19 UFU D . -4.17 -8.50 -12.28
C20 UFU D . -6.26 -8.99 -13.28
C21 UFU D . -4.04 -8.18 -8.70
C22 UFU D . -4.75 -8.59 -7.54
C23 UFU D . -4.01 -8.68 -6.33
C24 UFU D . -6.17 -8.88 -7.55
C25 UFU D . -4.63 -8.97 -5.15
C26 UFU D . -6.81 -9.18 -6.29
C27 UFU D . -6.04 -9.14 -5.14
C28 UFU D . -7.65 -9.23 -13.35
C29 UFU D . -8.23 -9.35 -14.65
C30 UFU D . -8.48 -9.35 -12.17
C31 UFU D . -9.57 -9.59 -14.79
C32 UFU D . -9.89 -9.60 -12.35
C33 UFU D . -10.37 -9.70 -13.64
C36 UFU D . -10.82 -9.74 -11.13
C37 UFU D . -10.47 -11.02 -10.34
C38 UFU D . -10.68 -8.49 -10.23
C39 UFU D . -12.31 -9.84 -11.54
C40 UFU D . -8.25 -9.74 -6.26
C41 UFU D . -9.20 -8.78 -7.03
C42 UFU D . -8.29 -11.14 -6.89
C43 UFU D . -8.80 -9.86 -4.83
CO1 UFU D . -6.24 -8.72 -10.43
#